data_5C1T
#
_entry.id   5C1T
#
_cell.length_a   62.965
_cell.length_b   62.965
_cell.length_c   312.021
_cell.angle_alpha   90.00
_cell.angle_beta   90.00
_cell.angle_gamma   120.00
#
_symmetry.space_group_name_H-M   'P 61'
#
loop_
_entity.id
_entity.type
_entity.pdbx_description
1 polymer 'Small GTPase EhRabX3'
2 non-polymer "GUANOSINE-5'-TRIPHOSPHATE"
3 non-polymer 'MAGNESIUM ION'
4 water water
#
_entity_poly.entity_id   1
_entity_poly.type   'polypeptide(L)'
_entity_poly.pdbx_seq_one_letter_code
;MGSSHHHHHHSSGLVPRGSHMASMTGGQQMGRGSMAMIRPAHMIRPAHKSLRTRSQIIGKKEIRLLVVGSSGVGKTTLCD
CFFESHQSQGEETREKHVQIDNDFIRISISDIVGKQSFYACDNPYDGYDAILVMYDITELKSFTDLKTMWLPDIFLYCNI
DTQIIIIGNKKDQEIDRIITRKEAEQFAQDRLCQFYEISTKDDSCQLLFDCISRDFLQCDIKIRMLMVGDQNVGKTTFIR
KFALQDPTGHDFMNAITTRFEMEKIKYEIIMIDWGFYNKLLQTNPAISRTIEAILIVYDITNEESFQNIHRKYYPLINNK
FSDVAGVIVGYKTDLEAQRKITMGDALTLADWLGYKYVEMSSKDTEDHSSIIKALAHSIRINRLKIEQSYE
;
_entity_poly.pdbx_strand_id   A,B
#
# COMPACT_ATOMS: atom_id res chain seq x y z
N ILE A 63 2.16 -11.05 -3.22
CA ILE A 63 3.13 -10.64 -4.23
C ILE A 63 4.54 -11.12 -3.85
N ARG A 64 4.69 -11.59 -2.61
CA ARG A 64 5.99 -12.06 -2.14
C ARG A 64 5.97 -13.58 -2.01
N LEU A 65 6.70 -14.25 -2.88
CA LEU A 65 6.62 -15.71 -2.99
C LEU A 65 7.97 -16.41 -2.80
N LEU A 66 7.91 -17.69 -2.45
CA LEU A 66 9.08 -18.52 -2.26
C LEU A 66 8.81 -19.91 -2.80
N VAL A 67 9.80 -20.51 -3.47
CA VAL A 67 9.63 -21.82 -4.06
C VAL A 67 10.57 -22.84 -3.42
N VAL A 68 10.04 -24.01 -3.08
CA VAL A 68 10.80 -25.05 -2.39
C VAL A 68 10.74 -26.33 -3.20
N GLY A 69 11.23 -27.44 -2.63
CA GLY A 69 11.22 -28.72 -3.31
C GLY A 69 12.60 -29.19 -3.74
N SER A 70 12.74 -30.51 -3.86
CA SER A 70 14.03 -31.14 -4.14
C SER A 70 14.44 -30.94 -5.59
N SER A 71 15.52 -31.58 -6.02
CA SER A 71 15.94 -31.39 -7.40
C SER A 71 15.73 -32.57 -8.31
N GLY A 72 14.59 -32.62 -9.00
CA GLY A 72 14.53 -33.09 -10.38
C GLY A 72 14.02 -31.99 -11.31
N VAL A 73 13.26 -31.06 -10.73
CA VAL A 73 12.58 -29.99 -11.46
C VAL A 73 12.15 -28.90 -10.49
N GLY A 74 11.80 -27.71 -10.99
CA GLY A 74 11.40 -26.64 -10.09
C GLY A 74 11.35 -25.20 -10.53
N LYS A 75 11.56 -24.31 -9.55
CA LYS A 75 11.51 -22.84 -9.71
C LYS A 75 12.23 -22.31 -10.95
N THR A 76 13.45 -22.77 -11.22
CA THR A 76 14.25 -22.16 -12.29
C THR A 76 13.43 -22.07 -13.56
N THR A 77 12.96 -23.22 -14.02
CA THR A 77 12.11 -23.31 -15.20
C THR A 77 10.77 -22.61 -14.95
N LEU A 78 10.26 -22.71 -13.72
CA LEU A 78 8.94 -22.19 -13.36
C LEU A 78 8.80 -20.69 -13.61
N CYS A 79 9.67 -19.91 -12.99
CA CYS A 79 9.65 -18.46 -13.17
C CYS A 79 10.55 -18.04 -14.32
N ASP A 80 11.15 -19.01 -15.01
CA ASP A 80 11.72 -18.73 -16.33
C ASP A 80 10.57 -18.36 -17.28
N CYS A 81 9.39 -18.86 -16.96
CA CYS A 81 8.17 -18.53 -17.70
C CYS A 81 7.45 -17.35 -17.04
N PHE A 82 8.07 -16.79 -16.02
CA PHE A 82 7.54 -15.57 -15.41
C PHE A 82 7.98 -14.37 -16.22
N PHE A 83 8.66 -14.64 -17.33
CA PHE A 83 8.87 -13.62 -18.34
C PHE A 83 7.52 -12.99 -18.69
N GLU A 84 6.51 -13.85 -18.83
CA GLU A 84 5.14 -13.40 -19.02
C GLU A 84 4.65 -12.61 -17.82
N SER A 85 4.73 -13.18 -16.62
CA SER A 85 4.27 -12.47 -15.44
C SER A 85 5.43 -11.89 -14.64
N HIS A 86 5.60 -10.58 -14.79
CA HIS A 86 6.69 -9.81 -14.18
C HIS A 86 6.61 -8.36 -14.67
N GLN A 87 7.38 -7.49 -14.04
CA GLN A 87 7.48 -6.10 -14.46
C GLN A 87 8.65 -5.40 -13.76
N ARG A 106 -0.41 -1.39 -11.62
CA ARG A 106 -1.30 -2.54 -11.67
C ARG A 106 -1.10 -3.45 -10.46
N ILE A 107 -0.89 -4.73 -10.71
CA ILE A 107 -0.71 -5.72 -9.64
C ILE A 107 0.73 -6.23 -9.64
N SER A 108 1.42 -6.09 -8.52
CA SER A 108 2.86 -6.37 -8.47
C SER A 108 3.19 -7.80 -8.02
N ILE A 109 4.47 -8.14 -8.09
CA ILE A 109 4.96 -9.50 -7.80
C ILE A 109 6.42 -9.48 -7.37
N SER A 110 6.82 -10.43 -6.52
CA SER A 110 8.23 -10.68 -6.22
C SER A 110 8.43 -12.16 -5.93
N ASP A 111 9.55 -12.73 -6.38
CA ASP A 111 9.84 -14.15 -6.15
C ASP A 111 11.31 -14.38 -5.81
N ILE A 112 11.56 -15.20 -4.80
CA ILE A 112 12.91 -15.48 -4.30
C ILE A 112 13.02 -16.97 -3.97
N VAL A 113 14.24 -17.50 -3.94
CA VAL A 113 14.48 -18.87 -3.50
C VAL A 113 14.99 -18.88 -2.06
N GLY A 114 14.48 -19.81 -1.24
CA GLY A 114 14.78 -19.85 0.18
C GLY A 114 16.22 -20.12 0.60
N LYS A 115 16.79 -21.21 0.09
CA LYS A 115 18.11 -21.69 0.50
C LYS A 115 19.16 -20.59 0.60
N PHE A 118 21.69 -14.36 4.92
CA PHE A 118 22.17 -13.65 6.09
C PHE A 118 21.11 -13.64 7.19
N TYR A 119 21.53 -13.43 8.43
CA TYR A 119 20.63 -13.44 9.57
C TYR A 119 19.53 -12.39 9.41
N ALA A 120 19.88 -11.29 8.73
CA ALA A 120 18.91 -10.30 8.32
C ALA A 120 18.18 -10.73 7.06
N CYS A 121 18.92 -11.33 6.13
CA CYS A 121 18.35 -11.81 4.87
C CYS A 121 17.48 -13.05 5.10
N ASP A 122 17.50 -13.57 6.31
CA ASP A 122 16.61 -14.67 6.70
C ASP A 122 15.26 -14.13 7.15
N ASN A 123 15.18 -12.80 7.34
CA ASN A 123 13.90 -12.16 7.62
C ASN A 123 12.94 -12.12 6.40
N PRO A 124 13.43 -11.70 5.21
CA PRO A 124 12.51 -11.73 4.06
C PRO A 124 12.11 -13.14 3.68
N TYR A 125 12.84 -14.14 4.17
CA TYR A 125 12.44 -15.54 4.05
C TYR A 125 11.00 -15.74 4.52
N ASP A 126 10.64 -15.13 5.64
CA ASP A 126 9.29 -15.31 6.20
C ASP A 126 8.31 -14.24 5.74
N GLY A 127 8.74 -13.34 4.87
CA GLY A 127 7.89 -12.26 4.40
C GLY A 127 6.96 -12.67 3.27
N TYR A 128 6.79 -13.99 3.11
CA TYR A 128 5.98 -14.54 2.02
C TYR A 128 4.48 -14.35 2.23
N ASP A 129 3.73 -14.42 1.13
CA ASP A 129 2.29 -14.58 1.16
C ASP A 129 1.97 -16.07 1.09
N ALA A 130 3.02 -16.84 0.82
CA ALA A 130 2.94 -18.30 0.69
C ALA A 130 4.34 -18.88 0.53
N LEU A 132 4.35 -22.30 -1.83
CA LEU A 132 4.58 -23.13 -3.02
C LEU A 132 5.66 -24.18 -2.78
N VAL A 133 5.25 -25.38 -2.36
CA VAL A 133 6.16 -26.52 -2.37
C VAL A 133 5.75 -27.47 -3.50
N MET A 134 6.68 -27.73 -4.41
CA MET A 134 6.39 -28.57 -5.57
C MET A 134 6.95 -29.97 -5.42
N TYR A 135 6.64 -30.81 -6.40
CA TYR A 135 7.22 -32.16 -6.48
C TYR A 135 7.07 -32.70 -7.90
N ASP A 136 7.88 -33.71 -8.26
CA ASP A 136 7.73 -34.35 -9.56
C ASP A 136 6.66 -35.42 -9.51
N ILE A 137 5.85 -35.48 -10.57
CA ILE A 137 4.84 -36.53 -10.72
C ILE A 137 5.52 -37.81 -11.19
N THR A 138 6.67 -37.64 -11.85
CA THR A 138 7.47 -38.76 -12.31
C THR A 138 8.29 -39.37 -11.18
N GLU A 139 8.86 -38.51 -10.33
CA GLU A 139 9.66 -38.97 -9.21
C GLU A 139 8.80 -39.11 -7.97
N LEU A 140 8.59 -40.35 -7.55
CA LEU A 140 7.85 -40.63 -6.33
C LEU A 140 8.60 -40.09 -5.13
N LYS A 141 9.93 -40.13 -5.20
CA LYS A 141 10.77 -39.68 -4.10
C LYS A 141 10.58 -38.19 -3.80
N SER A 142 10.37 -37.38 -4.83
CA SER A 142 10.11 -35.95 -4.65
C SER A 142 8.85 -35.72 -3.81
N PHE A 143 7.80 -36.49 -4.10
CA PHE A 143 6.55 -36.39 -3.35
C PHE A 143 6.71 -36.91 -1.93
N THR A 144 7.33 -38.08 -1.79
CA THR A 144 7.57 -38.66 -0.47
C THR A 144 8.43 -37.73 0.38
N ASP A 145 9.23 -36.89 -0.28
CA ASP A 145 10.07 -35.93 0.44
C ASP A 145 9.37 -34.57 0.61
N LEU A 146 8.25 -34.39 -0.07
CA LEU A 146 7.38 -33.27 0.23
C LEU A 146 6.62 -33.60 1.50
N LYS A 147 6.26 -34.87 1.66
CA LYS A 147 5.55 -35.35 2.84
C LYS A 147 6.46 -35.46 4.05
N THR A 148 7.77 -35.52 3.82
CA THR A 148 8.75 -35.70 4.90
C THR A 148 9.69 -34.51 5.07
N MET A 149 10.60 -34.33 4.12
CA MET A 149 11.71 -33.37 4.26
C MET A 149 11.29 -31.91 4.24
N TRP A 150 10.38 -31.55 3.35
CA TRP A 150 10.03 -30.15 3.12
C TRP A 150 9.08 -29.53 4.16
N LEU A 151 8.02 -30.24 4.53
CA LEU A 151 6.87 -29.62 5.20
C LEU A 151 7.05 -29.07 6.63
N PRO A 152 7.70 -29.82 7.55
CA PRO A 152 7.75 -29.32 8.93
C PRO A 152 8.29 -27.90 9.10
N ASP A 153 9.31 -27.54 8.33
CA ASP A 153 9.82 -26.17 8.32
C ASP A 153 8.74 -25.18 7.92
N ILE A 154 8.08 -25.46 6.81
CA ILE A 154 7.05 -24.59 6.26
C ILE A 154 5.86 -24.41 7.20
N PHE A 155 5.51 -25.46 7.95
CA PHE A 155 4.42 -25.39 8.92
C PHE A 155 4.83 -24.64 10.18
N LEU A 156 6.02 -24.96 10.67
CA LEU A 156 6.51 -24.47 11.96
C LEU A 156 6.82 -22.97 11.96
N TYR A 157 7.64 -22.52 11.02
CA TYR A 157 8.11 -21.14 11.05
C TYR A 157 7.11 -20.14 10.52
N CYS A 158 6.34 -20.53 9.51
CA CYS A 158 5.36 -19.63 8.93
C CYS A 158 4.48 -19.08 10.03
N ASN A 159 4.22 -17.78 9.99
CA ASN A 159 3.31 -17.19 10.95
C ASN A 159 1.90 -17.64 10.60
N ILE A 160 0.92 -17.24 11.40
CA ILE A 160 -0.47 -17.60 11.16
C ILE A 160 -0.91 -17.20 9.76
N ASP A 161 -0.22 -16.21 9.22
CA ASP A 161 -0.49 -15.65 7.91
C ASP A 161 -0.02 -16.58 6.80
N THR A 162 0.01 -16.05 5.58
CA THR A 162 0.25 -16.78 4.34
C THR A 162 -0.74 -17.91 4.10
N GLN A 163 -0.22 -19.01 3.55
CA GLN A 163 -1.01 -20.16 3.12
C GLN A 163 -0.04 -21.09 2.41
N ILE A 164 -0.42 -22.35 2.22
CA ILE A 164 0.51 -23.30 1.62
C ILE A 164 -0.09 -23.89 0.35
N ILE A 165 0.67 -23.80 -0.74
CA ILE A 165 0.22 -24.36 -2.01
C ILE A 165 1.13 -25.52 -2.42
N ILE A 166 0.53 -26.65 -2.80
CA ILE A 166 1.29 -27.83 -3.21
C ILE A 166 1.16 -28.05 -4.71
N ILE A 167 2.28 -28.14 -5.40
CA ILE A 167 2.25 -28.17 -6.87
C ILE A 167 2.92 -29.39 -7.50
N GLY A 168 2.13 -30.20 -8.20
CA GLY A 168 2.66 -31.16 -9.14
C GLY A 168 3.13 -30.40 -10.37
N ASN A 169 4.38 -30.62 -10.76
CA ASN A 169 4.90 -30.07 -12.01
C ASN A 169 4.69 -31.09 -13.12
N LYS A 170 5.37 -30.90 -14.25
CA LYS A 170 5.23 -31.78 -15.41
C LYS A 170 3.79 -31.80 -15.92
N LYS A 171 3.13 -32.95 -15.82
CA LYS A 171 1.73 -33.13 -16.26
C LYS A 171 1.61 -33.09 -17.78
N ASP A 172 2.67 -32.61 -18.43
CA ASP A 172 2.87 -32.80 -19.86
C ASP A 172 3.48 -34.19 -19.99
N GLN A 173 3.91 -34.69 -18.84
CA GLN A 173 4.46 -36.01 -18.66
C GLN A 173 3.41 -37.03 -18.23
N GLU A 174 2.13 -36.66 -18.28
CA GLU A 174 1.05 -37.41 -17.60
C GLU A 174 1.11 -38.93 -17.82
N ILE A 175 1.67 -39.35 -18.94
CA ILE A 175 1.98 -40.75 -19.16
C ILE A 175 3.02 -41.26 -18.16
N ASP A 176 3.87 -40.36 -17.67
CA ASP A 176 4.93 -40.74 -16.73
C ASP A 176 4.54 -40.56 -15.26
N ARG A 177 3.29 -40.15 -15.02
CA ARG A 177 2.84 -40.05 -13.63
C ARG A 177 3.00 -41.41 -12.98
N ILE A 178 3.79 -41.47 -11.91
CA ILE A 178 3.75 -42.58 -10.99
C ILE A 178 2.95 -42.14 -9.76
N ILE A 179 2.61 -40.86 -9.74
CA ILE A 179 1.99 -40.28 -8.55
C ILE A 179 0.57 -39.81 -8.83
N THR A 180 -0.37 -40.53 -8.26
CA THR A 180 -1.80 -40.26 -8.39
C THR A 180 -2.24 -38.88 -7.86
N ARG A 181 -3.25 -38.32 -8.50
CA ARG A 181 -3.75 -36.98 -8.22
C ARG A 181 -4.64 -36.92 -6.99
N LYS A 182 -5.43 -37.96 -6.74
CA LYS A 182 -6.45 -37.90 -5.71
C LYS A 182 -5.91 -38.00 -4.29
N GLU A 183 -4.90 -38.83 -4.06
CA GLU A 183 -4.29 -38.93 -2.73
C GLU A 183 -3.23 -37.85 -2.50
N ALA A 184 -2.70 -37.32 -3.60
CA ALA A 184 -1.82 -36.15 -3.50
C ALA A 184 -2.66 -34.94 -3.10
N GLU A 185 -3.86 -34.86 -3.67
CA GLU A 185 -4.82 -33.80 -3.37
C GLU A 185 -5.52 -34.05 -2.04
N GLN A 186 -5.57 -35.30 -1.62
CA GLN A 186 -6.19 -35.67 -0.34
C GLN A 186 -5.23 -35.31 0.78
N PHE A 187 -3.97 -35.66 0.61
CA PHE A 187 -2.95 -35.26 1.57
C PHE A 187 -2.62 -33.77 1.38
N ALA A 188 -3.13 -33.17 0.32
CA ALA A 188 -3.11 -31.71 0.20
C ALA A 188 -4.25 -31.09 0.99
N GLN A 189 -5.37 -31.81 1.06
CA GLN A 189 -6.56 -31.38 1.82
C GLN A 189 -6.33 -31.54 3.32
N ASP A 190 -5.73 -32.67 3.70
CA ASP A 190 -5.53 -33.02 5.10
C ASP A 190 -4.48 -32.11 5.78
N ARG A 191 -3.63 -31.46 4.99
CA ARG A 191 -2.70 -30.48 5.54
C ARG A 191 -3.25 -29.07 5.45
N LEU A 192 -4.47 -28.94 4.92
CA LEU A 192 -5.08 -27.63 4.65
C LEU A 192 -4.26 -26.80 3.66
N CYS A 193 -3.91 -27.42 2.54
CA CYS A 193 -3.13 -26.73 1.52
C CYS A 193 -3.88 -26.65 0.19
N GLN A 194 -3.57 -25.64 -0.62
CA GLN A 194 -4.08 -25.54 -1.98
C GLN A 194 -3.25 -26.41 -2.92
N PHE A 195 -3.89 -27.02 -3.90
CA PHE A 195 -3.19 -27.96 -4.79
C PHE A 195 -3.53 -27.78 -6.27
N TYR A 196 -2.50 -27.63 -7.10
CA TYR A 196 -2.67 -27.55 -8.54
C TYR A 196 -1.56 -28.28 -9.28
N GLU A 197 -1.93 -29.12 -10.25
CA GLU A 197 -0.95 -29.74 -11.12
C GLU A 197 -0.79 -28.91 -12.38
N ILE A 198 0.45 -28.53 -12.67
CA ILE A 198 0.73 -27.65 -13.80
C ILE A 198 1.73 -28.25 -14.77
N SER A 199 1.96 -27.53 -15.86
CA SER A 199 3.05 -27.80 -16.79
C SER A 199 3.87 -26.54 -16.95
N THR A 200 5.15 -26.60 -16.57
CA THR A 200 6.01 -25.42 -16.68
C THR A 200 6.19 -25.02 -18.15
N LYS A 201 6.13 -26.00 -19.04
CA LYS A 201 6.32 -25.78 -20.46
C LYS A 201 5.42 -24.68 -21.04
N ASP A 202 4.12 -24.97 -21.15
CA ASP A 202 3.15 -23.99 -21.61
C ASP A 202 1.81 -24.23 -20.93
N ASP A 203 0.81 -23.41 -21.27
CA ASP A 203 -0.45 -23.34 -20.55
C ASP A 203 -0.15 -23.17 -19.08
N SER A 204 -0.95 -23.83 -18.23
CA SER A 204 -0.69 -23.92 -16.79
C SER A 204 -0.21 -22.60 -16.25
N CYS A 205 0.84 -22.62 -15.41
CA CYS A 205 1.69 -21.44 -15.20
C CYS A 205 0.88 -20.18 -14.91
N GLN A 206 0.87 -19.28 -15.89
CA GLN A 206 0.15 -18.00 -15.83
C GLN A 206 -1.30 -18.13 -15.35
N LEU A 207 -1.96 -19.23 -15.70
CA LEU A 207 -3.29 -19.53 -15.17
C LEU A 207 -3.22 -19.61 -13.65
N LEU A 208 -2.38 -20.52 -13.14
CA LEU A 208 -2.18 -20.71 -11.71
C LEU A 208 -1.87 -19.38 -11.02
N PHE A 209 -0.84 -18.69 -11.51
CA PHE A 209 -0.49 -17.38 -11.00
C PHE A 209 -1.73 -16.50 -10.95
N ASP A 210 -2.42 -16.41 -12.09
CA ASP A 210 -3.63 -15.59 -12.19
C ASP A 210 -4.54 -15.89 -11.02
N CYS A 211 -4.79 -17.17 -10.79
CA CYS A 211 -5.71 -17.59 -9.73
C CYS A 211 -5.34 -16.92 -8.42
N ILE A 212 -4.10 -17.10 -7.98
CA ILE A 212 -3.71 -16.62 -6.65
C ILE A 212 -3.79 -15.10 -6.63
N SER A 213 -3.45 -14.47 -7.76
CA SER A 213 -3.52 -13.02 -7.84
C SER A 213 -4.93 -12.59 -7.50
N ARG A 214 -5.89 -13.28 -8.12
CA ARG A 214 -7.28 -12.99 -7.88
C ARG A 214 -7.62 -13.17 -6.41
N ASP A 215 -7.17 -14.26 -5.81
CA ASP A 215 -7.53 -14.54 -4.43
C ASP A 215 -6.83 -13.59 -3.47
N PHE A 216 -5.91 -12.78 -4.01
CA PHE A 216 -5.31 -11.72 -3.23
C PHE A 216 -6.18 -10.46 -3.23
N LEU A 217 -6.85 -10.14 -4.35
CA LEU A 217 -7.77 -9.01 -4.34
C LEU A 217 -9.22 -9.45 -4.08
N GLN A 218 -9.47 -10.75 -4.18
CA GLN A 218 -10.78 -11.30 -3.82
C GLN A 218 -10.89 -11.25 -2.32
N CYS A 219 -9.75 -11.51 -1.68
CA CYS A 219 -9.63 -11.38 -0.23
C CYS A 219 -8.18 -11.19 0.20
N ASP A 220 -7.99 -10.59 1.37
CA ASP A 220 -6.65 -10.41 1.93
C ASP A 220 -5.94 -11.75 2.11
N ILE A 221 -6.44 -12.52 3.09
CA ILE A 221 -5.90 -13.82 3.45
C ILE A 221 -6.95 -14.53 4.30
N LYS A 222 -6.60 -15.68 4.87
CA LYS A 222 -7.56 -16.44 5.66
C LYS A 222 -7.32 -16.35 7.17
N ILE A 223 -8.41 -16.37 7.93
CA ILE A 223 -8.36 -16.62 9.37
C ILE A 223 -8.97 -18.00 9.62
N ARG A 224 -8.21 -18.85 10.31
CA ARG A 224 -8.68 -20.20 10.59
C ARG A 224 -9.36 -20.27 11.96
N MET A 225 -10.64 -20.60 11.97
CA MET A 225 -11.39 -20.75 13.21
C MET A 225 -11.82 -22.20 13.38
N LEU A 226 -11.94 -22.64 14.64
CA LEU A 226 -12.35 -24.02 14.92
C LEU A 226 -13.71 -24.04 15.61
N MET A 227 -14.49 -25.07 15.33
CA MET A 227 -15.83 -25.20 15.88
C MET A 227 -16.06 -26.62 16.39
N VAL A 228 -16.56 -26.75 17.61
CA VAL A 228 -16.73 -28.05 18.27
C VAL A 228 -17.57 -29.00 17.42
N GLY A 229 -17.11 -30.23 17.29
CA GLY A 229 -17.66 -31.18 16.33
C GLY A 229 -18.58 -32.24 16.89
N ASP A 230 -19.21 -31.96 18.04
CA ASP A 230 -20.14 -32.91 18.62
C ASP A 230 -21.32 -33.11 17.67
N GLN A 231 -22.00 -34.24 17.81
CA GLN A 231 -22.89 -34.77 16.78
C GLN A 231 -23.90 -33.78 16.16
N ASN A 232 -24.91 -33.40 16.95
CA ASN A 232 -26.06 -32.67 16.44
C ASN A 232 -25.84 -31.29 15.78
N VAL A 233 -25.51 -30.30 16.59
CA VAL A 233 -25.77 -28.89 16.29
C VAL A 233 -24.86 -28.22 15.24
N GLY A 234 -23.70 -28.84 14.97
CA GLY A 234 -22.72 -28.26 14.10
C GLY A 234 -23.27 -27.91 12.74
N LYS A 235 -23.80 -28.91 12.03
CA LYS A 235 -24.35 -28.73 10.68
C LYS A 235 -25.29 -27.52 10.61
N THR A 236 -26.22 -27.47 11.56
CA THR A 236 -27.17 -26.38 11.68
C THR A 236 -26.43 -25.04 11.78
N THR A 237 -25.40 -24.99 12.62
CA THR A 237 -24.61 -23.76 12.70
C THR A 237 -23.91 -23.42 11.37
N PHE A 238 -23.42 -24.43 10.67
CA PHE A 238 -22.65 -24.26 9.43
C PHE A 238 -23.44 -23.98 8.16
N ILE A 239 -24.76 -24.13 8.21
CA ILE A 239 -25.62 -23.95 7.03
C ILE A 239 -25.43 -22.55 6.37
N ARG A 240 -24.83 -21.60 7.09
CA ARG A 240 -24.69 -20.22 6.58
C ARG A 240 -23.48 -20.03 5.66
N LYS A 241 -22.75 -21.10 5.39
CA LYS A 241 -21.54 -21.03 4.55
C LYS A 241 -21.82 -20.62 3.11
N ALA A 243 -24.24 -23.04 0.74
CA ALA A 243 -23.16 -24.01 0.80
C ALA A 243 -23.28 -24.91 2.03
N LEU A 244 -23.95 -26.05 1.85
CA LEU A 244 -24.14 -26.98 2.95
C LEU A 244 -23.39 -28.28 2.77
N GLN A 245 -22.78 -28.74 3.84
CA GLN A 245 -22.00 -29.96 3.80
C GLN A 245 -22.68 -31.08 4.59
N THR A 248 -21.65 -35.85 4.68
CA THR A 248 -21.89 -35.70 3.25
C THR A 248 -20.58 -35.39 2.55
N GLY A 249 -20.44 -34.17 2.05
CA GLY A 249 -19.14 -33.68 1.61
C GLY A 249 -18.25 -33.84 2.82
N HIS A 250 -17.01 -34.29 2.62
CA HIS A 250 -16.15 -34.62 3.75
C HIS A 250 -16.88 -35.58 4.68
N ASP A 251 -17.05 -36.82 4.25
CA ASP A 251 -17.82 -37.81 5.00
C ASP A 251 -17.24 -38.05 6.39
N PHE A 252 -16.04 -37.51 6.62
CA PHE A 252 -15.41 -37.53 7.92
C PHE A 252 -15.18 -36.11 8.50
N MET A 253 -14.41 -35.27 7.82
CA MET A 253 -13.95 -33.99 8.41
C MET A 253 -14.17 -32.76 7.52
N ASN A 254 -14.95 -31.81 8.03
CA ASN A 254 -15.59 -30.74 7.27
C ASN A 254 -14.75 -29.81 6.35
N ALA A 255 -13.92 -28.95 6.94
CA ALA A 255 -13.19 -27.92 6.17
C ALA A 255 -14.09 -26.98 5.38
N ILE A 256 -14.77 -26.07 6.09
CA ILE A 256 -15.75 -25.15 5.50
C ILE A 256 -15.18 -23.74 5.26
N THR A 257 -15.65 -23.06 4.21
CA THR A 257 -15.21 -21.71 3.87
C THR A 257 -16.34 -20.67 3.86
N THR A 258 -16.12 -19.54 4.52
CA THR A 258 -17.03 -18.40 4.42
C THR A 258 -16.23 -17.09 4.34
N ARG A 259 -16.49 -16.28 3.32
CA ARG A 259 -15.85 -14.98 3.21
C ARG A 259 -16.88 -13.87 3.02
N PHE A 260 -17.00 -13.03 4.05
CA PHE A 260 -17.85 -11.85 4.02
C PHE A 260 -17.29 -10.82 5.00
N GLU A 261 -17.47 -9.53 4.69
CA GLU A 261 -16.88 -8.46 5.50
C GLU A 261 -17.27 -7.05 5.05
N MET A 262 -16.82 -6.08 5.83
CA MET A 262 -16.96 -4.67 5.51
C MET A 262 -16.01 -3.87 6.40
N LYS A 264 -14.52 -2.14 4.37
CA LYS A 264 -14.71 -2.95 3.17
C LYS A 264 -13.44 -3.73 2.82
N ILE A 265 -12.81 -4.32 3.84
CA ILE A 265 -11.53 -4.99 3.66
C ILE A 265 -11.67 -6.41 3.09
N LYS A 266 -12.85 -7.00 3.25
CA LYS A 266 -13.19 -8.28 2.60
C LYS A 266 -12.23 -9.42 2.92
N TYR A 267 -12.28 -9.95 4.14
CA TYR A 267 -11.31 -10.96 4.55
C TYR A 267 -11.98 -12.36 4.48
N GLU A 268 -11.23 -13.42 4.75
CA GLU A 268 -11.73 -14.80 4.60
C GLU A 268 -11.64 -15.60 5.90
N ILE A 269 -12.71 -16.31 6.25
CA ILE A 269 -12.73 -17.14 7.45
C ILE A 269 -13.05 -18.61 7.15
N ILE A 270 -12.18 -19.49 7.63
CA ILE A 270 -12.32 -20.93 7.40
C ILE A 270 -12.73 -21.63 8.68
N MET A 271 -13.89 -22.29 8.66
CA MET A 271 -14.37 -23.03 9.82
C MET A 271 -13.91 -24.48 9.75
N ILE A 272 -13.45 -25.01 10.89
CA ILE A 272 -12.99 -26.39 10.99
C ILE A 272 -13.81 -27.11 12.05
N ASP A 273 -13.79 -28.44 12.04
CA ASP A 273 -14.52 -29.20 13.04
C ASP A 273 -13.60 -30.06 13.89
N TRP A 274 -14.09 -30.44 15.07
CA TRP A 274 -13.30 -31.15 16.06
C TRP A 274 -12.77 -32.49 15.55
N GLY A 275 -13.46 -33.05 14.57
CA GLY A 275 -12.99 -34.26 13.92
C GLY A 275 -11.69 -34.06 13.18
N PHE A 276 -11.53 -32.91 12.53
CA PHE A 276 -10.40 -32.67 11.63
C PHE A 276 -9.16 -32.14 12.35
N TYR A 277 -9.31 -31.72 13.60
CA TYR A 277 -8.19 -31.20 14.37
C TYR A 277 -7.24 -32.31 14.83
N ASN A 278 -7.79 -33.33 15.47
CA ASN A 278 -6.99 -34.48 15.90
C ASN A 278 -6.51 -35.26 14.68
N LYS A 279 -7.25 -35.15 13.59
CA LYS A 279 -6.85 -35.71 12.31
C LYS A 279 -5.73 -34.88 11.68
N LEU A 280 -5.62 -33.63 12.09
CA LEU A 280 -4.53 -32.76 11.66
C LEU A 280 -3.26 -33.02 12.47
N LEU A 281 -3.43 -33.37 13.73
CA LEU A 281 -2.29 -33.52 14.65
C LEU A 281 -1.38 -34.71 14.33
N GLN A 282 -1.90 -35.70 13.61
CA GLN A 282 -1.06 -36.79 13.13
C GLN A 282 -0.26 -36.31 11.92
N THR A 283 -0.86 -35.39 11.17
CA THR A 283 -0.19 -34.77 10.04
C THR A 283 0.73 -33.66 10.55
N ASN A 284 0.14 -32.54 10.99
CA ASN A 284 0.88 -31.50 11.69
C ASN A 284 0.35 -31.28 13.10
N PRO A 285 1.15 -31.63 14.12
CA PRO A 285 0.83 -31.33 15.52
C PRO A 285 0.88 -29.84 15.78
N ALA A 286 0.01 -29.33 16.66
CA ALA A 286 -0.07 -27.90 16.97
C ALA A 286 -0.25 -27.05 15.72
N ILE A 287 -1.39 -27.22 15.04
CA ILE A 287 -1.77 -26.33 13.95
C ILE A 287 -2.62 -25.20 14.52
N SER A 288 -2.87 -25.24 15.82
CA SER A 288 -3.60 -24.18 16.51
C SER A 288 -2.85 -22.86 16.51
N ARG A 289 -1.59 -22.91 16.11
CA ARG A 289 -0.83 -21.69 15.85
C ARG A 289 -1.48 -20.96 14.68
N THR A 290 -2.19 -21.70 13.84
CA THR A 290 -2.96 -21.11 12.76
C THR A 290 -4.41 -20.86 13.15
N ILE A 291 -4.80 -21.31 14.34
CA ILE A 291 -6.18 -21.15 14.81
C ILE A 291 -6.30 -19.97 15.78
N GLU A 292 -7.29 -19.12 15.53
CA GLU A 292 -7.47 -17.91 16.32
C GLU A 292 -8.73 -17.98 17.15
N ALA A 293 -9.88 -18.03 16.49
CA ALA A 293 -11.15 -18.14 17.19
C ALA A 293 -11.47 -19.59 17.56
N ILE A 294 -12.11 -19.78 18.71
CA ILE A 294 -12.60 -21.09 19.11
C ILE A 294 -14.10 -21.02 19.35
N LEU A 295 -14.87 -21.77 18.57
CA LEU A 295 -16.31 -21.83 18.76
C LEU A 295 -16.73 -23.18 19.33
N ILE A 296 -17.50 -23.18 20.41
CA ILE A 296 -18.01 -24.44 20.94
C ILE A 296 -19.52 -24.37 21.15
N VAL A 297 -20.25 -25.23 20.43
CA VAL A 297 -21.71 -25.16 20.47
C VAL A 297 -22.26 -26.19 21.44
N TYR A 298 -23.58 -26.19 21.63
CA TYR A 298 -24.18 -26.84 22.78
C TYR A 298 -25.69 -26.69 22.70
N ASP A 299 -26.42 -27.59 23.36
CA ASP A 299 -27.88 -27.52 23.36
C ASP A 299 -28.44 -27.48 24.77
N ILE A 300 -28.41 -28.63 25.44
CA ILE A 300 -28.93 -28.74 26.81
C ILE A 300 -27.94 -29.38 27.78
N THR A 301 -27.54 -30.63 27.54
CA THR A 301 -26.58 -31.31 28.43
C THR A 301 -25.19 -31.52 27.81
N ASN A 302 -24.21 -30.75 28.27
CA ASN A 302 -22.79 -30.99 27.94
C ASN A 302 -21.86 -30.48 29.04
N GLU A 303 -20.80 -31.24 29.31
CA GLU A 303 -19.84 -30.88 30.37
C GLU A 303 -18.78 -29.88 29.91
N GLU A 304 -18.34 -30.04 28.66
CA GLU A 304 -17.33 -29.20 28.01
C GLU A 304 -15.94 -29.34 28.62
N SER A 305 -15.83 -30.15 29.68
CA SER A 305 -14.58 -30.36 30.39
C SER A 305 -13.44 -30.87 29.51
N PHE A 306 -13.60 -32.10 29.03
CA PHE A 306 -12.59 -32.77 28.22
C PHE A 306 -12.13 -31.94 27.04
N GLN A 307 -13.07 -31.63 26.14
CA GLN A 307 -12.79 -30.84 24.95
C GLN A 307 -12.01 -29.57 25.27
N ASN A 308 -12.34 -28.93 26.39
CA ASN A 308 -11.60 -27.75 26.83
C ASN A 308 -10.16 -28.06 27.24
N ILE A 309 -9.98 -29.01 28.15
CA ILE A 309 -8.66 -29.24 28.74
C ILE A 309 -7.70 -29.90 27.74
N HIS A 310 -8.25 -30.57 26.72
CA HIS A 310 -7.44 -31.10 25.64
C HIS A 310 -7.14 -29.99 24.63
N ARG A 311 -7.96 -28.94 24.66
CA ARG A 311 -7.73 -27.74 23.88
C ARG A 311 -7.04 -26.68 24.73
N LYS A 312 -6.66 -27.03 25.95
CA LYS A 312 -5.99 -26.07 26.83
C LYS A 312 -4.48 -26.05 26.55
N TYR A 313 -4.06 -26.86 25.58
CA TYR A 313 -2.64 -27.04 25.31
C TYR A 313 -2.08 -26.06 24.28
N TYR A 314 -2.50 -26.22 23.03
CA TYR A 314 -2.01 -25.38 21.94
C TYR A 314 -2.54 -23.91 22.03
N PRO A 315 -3.81 -23.70 22.43
CA PRO A 315 -4.39 -22.41 22.85
C PRO A 315 -3.82 -21.85 24.16
N LEU A 316 -4.62 -20.98 24.80
CA LEU A 316 -4.22 -19.95 25.79
C LEU A 316 -3.53 -18.76 25.10
N ILE A 317 -3.88 -18.57 23.84
CA ILE A 317 -3.72 -17.26 23.19
C ILE A 317 -5.06 -16.88 22.59
N ASN A 318 -5.36 -17.50 21.46
CA ASN A 318 -6.70 -17.70 20.89
C ASN A 318 -7.69 -16.52 20.81
N ASN A 319 -8.95 -16.90 21.06
CA ASN A 319 -10.15 -16.06 21.06
C ASN A 319 -11.24 -17.08 21.34
N LYS A 320 -12.39 -16.68 21.86
CA LYS A 320 -13.36 -17.70 22.24
C LYS A 320 -14.83 -17.30 22.27
N PHE A 321 -15.69 -18.25 21.94
CA PHE A 321 -17.12 -18.16 22.21
C PHE A 321 -17.76 -19.53 22.40
N SER A 322 -18.69 -19.59 23.36
CA SER A 322 -19.57 -20.73 23.51
C SER A 322 -20.94 -20.31 23.01
N ASP A 323 -21.63 -21.24 22.37
CA ASP A 323 -22.91 -20.94 21.76
C ASP A 323 -23.96 -21.93 22.24
N VAL A 324 -25.23 -21.53 22.20
CA VAL A 324 -26.32 -22.42 22.57
C VAL A 324 -27.12 -22.72 21.31
N ALA A 325 -27.61 -23.96 21.21
CA ALA A 325 -28.31 -24.40 20.00
C ALA A 325 -29.52 -25.25 20.34
N GLY A 326 -30.13 -25.84 19.31
CA GLY A 326 -31.36 -26.59 19.47
C GLY A 326 -32.40 -26.05 18.52
N LYS A 332 -35.36 -28.29 29.27
CA LYS A 332 -34.69 -27.83 30.49
C LYS A 332 -33.36 -27.15 30.18
N THR A 333 -33.43 -25.98 29.54
CA THR A 333 -32.23 -25.30 29.04
C THR A 333 -32.40 -23.79 28.89
N ASP A 334 -31.44 -23.15 28.23
CA ASP A 334 -31.41 -21.70 28.01
C ASP A 334 -31.32 -20.91 29.31
N LEU A 335 -30.78 -21.54 30.34
CA LEU A 335 -30.47 -20.84 31.57
C LEU A 335 -29.03 -20.32 31.49
N GLU A 336 -28.86 -19.01 31.61
CA GLU A 336 -27.55 -18.38 31.38
C GLU A 336 -26.64 -18.34 32.60
N ALA A 337 -27.14 -18.79 33.75
CA ALA A 337 -26.31 -18.76 34.96
C ALA A 337 -25.25 -19.86 34.96
N GLN A 338 -25.64 -21.08 34.56
CA GLN A 338 -24.69 -22.19 34.52
C GLN A 338 -23.96 -22.21 33.19
N ARG A 339 -24.28 -21.26 32.31
CA ARG A 339 -23.55 -21.08 31.07
C ARG A 339 -22.24 -20.34 31.32
N LYS A 340 -22.34 -19.28 32.13
CA LYS A 340 -21.22 -18.37 32.37
C LYS A 340 -20.25 -18.88 33.43
N ILE A 341 -20.51 -20.05 33.99
CA ILE A 341 -19.56 -20.68 34.92
C ILE A 341 -18.44 -21.37 34.13
N THR A 342 -18.80 -22.08 33.06
CA THR A 342 -17.82 -22.62 32.13
C THR A 342 -17.34 -21.49 31.24
N MET A 343 -18.25 -20.58 30.92
CA MET A 343 -17.91 -19.43 30.10
C MET A 343 -17.09 -18.40 30.86
N GLY A 344 -16.87 -18.60 32.16
CA GLY A 344 -16.00 -17.72 32.92
C GLY A 344 -14.63 -17.65 32.27
N ASP A 345 -14.32 -18.70 31.52
CA ASP A 345 -13.15 -18.82 30.64
C ASP A 345 -13.30 -18.01 29.33
N ALA A 346 -14.54 -17.70 28.95
CA ALA A 346 -14.82 -17.16 27.61
C ALA A 346 -15.99 -16.16 27.62
N LEU A 347 -16.53 -15.88 26.45
CA LEU A 347 -17.84 -15.23 26.38
C LEU A 347 -18.83 -16.21 25.75
N THR A 348 -20.10 -16.08 26.13
CA THR A 348 -21.12 -17.01 25.67
C THR A 348 -22.28 -16.32 24.98
N LEU A 349 -23.07 -17.11 24.25
CA LEU A 349 -24.17 -16.61 23.47
C LEU A 349 -25.24 -17.71 23.34
N ALA A 350 -26.50 -17.31 23.21
CA ALA A 350 -27.59 -18.28 23.15
C ALA A 350 -28.58 -17.97 22.04
N ASP A 351 -28.85 -18.95 21.19
CA ASP A 351 -29.86 -18.82 20.13
C ASP A 351 -30.29 -20.18 19.61
N TRP A 352 -31.11 -20.19 18.56
CA TRP A 352 -31.64 -21.43 18.00
C TRP A 352 -31.98 -21.31 16.52
N LEU A 353 -31.92 -22.44 15.81
CA LEU A 353 -32.44 -22.57 14.46
C LEU A 353 -32.03 -21.46 13.49
N GLY A 354 -33.03 -20.81 12.90
CA GLY A 354 -32.80 -19.77 11.91
C GLY A 354 -33.01 -18.36 12.42
N TYR A 355 -33.11 -18.22 13.74
CA TYR A 355 -33.07 -16.91 14.38
C TYR A 355 -31.62 -16.42 14.35
N LYS A 356 -30.73 -17.31 13.94
CA LYS A 356 -29.30 -17.09 13.88
C LYS A 356 -28.86 -16.10 12.79
N TYR A 357 -29.79 -15.71 11.92
CA TYR A 357 -29.52 -14.77 10.81
C TYR A 357 -28.70 -13.59 11.30
N VAL A 358 -29.04 -13.17 12.50
CA VAL A 358 -28.35 -12.16 13.25
C VAL A 358 -27.23 -12.82 14.08
N GLU A 359 -27.57 -13.76 14.97
CA GLU A 359 -26.59 -14.35 15.89
C GLU A 359 -25.30 -14.81 15.21
N MET A 360 -25.44 -15.67 14.20
CA MET A 360 -24.32 -16.01 13.33
C MET A 360 -23.58 -14.74 12.93
N SER A 361 -24.24 -13.92 12.13
CA SER A 361 -23.71 -12.65 11.67
C SER A 361 -23.26 -11.78 12.84
N SER A 362 -23.89 -11.94 14.00
CA SER A 362 -23.48 -11.19 15.19
C SER A 362 -22.23 -11.77 15.79
N LYS A 363 -22.21 -13.09 16.01
CA LYS A 363 -21.15 -13.68 16.79
C LYS A 363 -19.83 -13.70 16.04
N ASP A 364 -19.85 -14.35 14.87
CA ASP A 364 -18.66 -14.52 14.06
C ASP A 364 -18.00 -13.18 13.82
N THR A 365 -18.65 -12.33 13.03
CA THR A 365 -18.12 -11.02 12.67
C THR A 365 -17.75 -10.19 13.89
N GLU A 366 -18.33 -10.49 15.05
CA GLU A 366 -17.85 -9.81 16.26
C GLU A 366 -16.40 -10.16 16.47
N ASP A 367 -16.14 -11.41 16.86
CA ASP A 367 -14.80 -11.83 17.26
C ASP A 367 -13.86 -11.69 16.09
N HIS A 368 -14.36 -12.07 14.91
CA HIS A 368 -13.63 -11.92 13.67
C HIS A 368 -13.05 -10.51 13.54
N SER A 369 -13.89 -9.50 13.75
CA SER A 369 -13.44 -8.13 13.56
C SER A 369 -12.31 -7.83 14.52
N SER A 370 -12.44 -8.32 15.75
CA SER A 370 -11.41 -8.10 16.75
C SER A 370 -10.08 -8.67 16.26
N ILE A 371 -10.13 -9.83 15.60
CA ILE A 371 -8.93 -10.46 15.06
C ILE A 371 -8.15 -9.46 14.20
N ILE A 372 -8.87 -8.70 13.38
CA ILE A 372 -8.26 -7.58 12.68
C ILE A 372 -7.67 -6.57 13.67
N LYS A 373 -8.55 -5.98 14.48
CA LYS A 373 -8.20 -4.82 15.30
C LYS A 373 -7.44 -5.12 16.60
N ALA A 374 -7.89 -6.13 17.35
CA ALA A 374 -7.33 -6.38 18.69
C ALA A 374 -5.82 -6.58 18.68
N LEU A 375 -5.34 -7.55 17.92
CA LEU A 375 -3.90 -7.75 17.80
C LEU A 375 -3.43 -7.41 16.38
N ALA A 376 -2.74 -6.28 16.27
CA ALA A 376 -2.15 -5.83 15.02
C ALA A 376 -0.95 -4.94 15.33
N HIS A 377 0.07 -4.99 14.48
CA HIS A 377 1.26 -4.15 14.65
C HIS A 377 2.09 -4.10 13.37
N ILE B 63 -4.63 8.80 4.14
CA ILE B 63 -5.41 8.47 5.33
C ILE B 63 -5.36 9.60 6.35
N ARG B 64 -4.59 10.63 6.04
CA ARG B 64 -4.46 11.79 6.92
C ARG B 64 -4.43 13.10 6.15
N LEU B 65 -5.24 14.06 6.59
CA LEU B 65 -5.19 15.42 6.09
C LEU B 65 -5.37 16.42 7.23
N LEU B 66 -4.66 17.54 7.19
CA LEU B 66 -4.71 18.50 8.30
C LEU B 66 -5.34 19.82 7.91
N VAL B 67 -6.26 20.32 8.73
CA VAL B 67 -6.79 21.67 8.53
C VAL B 67 -6.19 22.60 9.59
N VAL B 68 -5.94 23.84 9.20
CA VAL B 68 -5.30 24.83 10.06
C VAL B 68 -5.84 26.22 9.72
N GLY B 69 -6.08 27.06 10.74
CA GLY B 69 -6.60 28.40 10.51
C GLY B 69 -6.66 29.35 11.70
N SER B 70 -6.70 30.65 11.39
CA SER B 70 -6.65 31.71 12.40
C SER B 70 -7.74 31.58 13.46
N SER B 71 -8.98 31.83 13.06
CA SER B 71 -10.13 31.60 13.93
C SER B 71 -10.58 30.15 13.72
N GLY B 72 -9.98 29.51 12.72
CA GLY B 72 -10.36 28.17 12.33
C GLY B 72 -11.83 28.10 11.96
N VAL B 73 -12.30 29.12 11.24
CA VAL B 73 -13.73 29.32 11.01
C VAL B 73 -14.42 28.18 10.28
N GLY B 74 -13.67 27.40 9.51
CA GLY B 74 -14.22 26.19 8.93
C GLY B 74 -13.78 24.96 9.70
N LYS B 75 -12.74 25.10 10.50
CA LYS B 75 -11.98 23.96 11.03
C LYS B 75 -12.84 22.81 11.55
N THR B 76 -13.57 23.01 12.65
CA THR B 76 -14.38 21.95 13.23
C THR B 76 -15.52 21.48 12.32
N THR B 77 -16.26 22.41 11.72
CA THR B 77 -17.41 22.05 10.89
C THR B 77 -17.00 21.52 9.50
N LEU B 78 -15.89 22.02 8.95
CA LEU B 78 -15.38 21.48 7.68
C LEU B 78 -14.80 20.10 7.92
N CYS B 79 -14.17 19.91 9.08
CA CYS B 79 -13.72 18.58 9.48
C CYS B 79 -14.90 17.64 9.66
N ASP B 80 -16.03 18.18 10.09
CA ASP B 80 -17.24 17.39 10.29
C ASP B 80 -17.98 17.13 8.97
N CYS B 81 -17.71 17.93 7.94
CA CYS B 81 -18.33 17.71 6.63
C CYS B 81 -17.77 16.46 5.94
N PHE B 82 -16.73 15.89 6.54
CA PHE B 82 -16.23 14.57 6.14
C PHE B 82 -17.25 13.51 6.56
N PHE B 83 -18.19 13.93 7.41
CA PHE B 83 -19.40 13.20 7.70
C PHE B 83 -20.58 14.13 7.41
N GLU B 84 -21.80 13.70 7.74
CA GLU B 84 -23.00 14.52 7.54
C GLU B 84 -23.15 15.02 6.11
N ILE B 107 -15.48 7.08 7.23
CA ILE B 107 -14.71 7.92 6.32
C ILE B 107 -13.71 7.09 5.52
N SER B 108 -12.96 7.75 4.65
CA SER B 108 -11.95 7.08 3.84
C SER B 108 -10.55 7.62 4.14
N ILE B 109 -10.27 8.83 3.64
CA ILE B 109 -9.07 9.57 4.02
C ILE B 109 -9.52 10.81 4.80
N SER B 110 -9.18 10.86 6.08
CA SER B 110 -9.86 11.78 7.00
C SER B 110 -9.09 13.03 7.39
N ASP B 111 -9.85 14.10 7.58
CA ASP B 111 -9.35 15.38 8.08
C ASP B 111 -9.09 15.36 9.58
N ILE B 112 -8.30 16.33 10.03
CA ILE B 112 -8.10 16.59 11.44
C ILE B 112 -8.13 18.10 11.69
N VAL B 113 -8.84 18.51 12.73
CA VAL B 113 -8.91 19.91 13.13
C VAL B 113 -7.54 20.35 13.60
N GLY B 114 -7.31 21.66 13.67
CA GLY B 114 -6.00 22.19 14.03
C GLY B 114 -5.66 21.93 15.49
N LYS B 115 -4.60 22.59 15.96
CA LYS B 115 -4.02 22.31 17.28
C LYS B 115 -3.54 20.87 17.34
N GLN B 116 -2.52 20.55 16.55
CA GLN B 116 -1.91 19.23 16.53
C GLN B 116 -0.39 19.36 16.42
N ALA B 120 3.45 18.14 15.78
CA ALA B 120 4.35 19.01 15.03
C ALA B 120 5.80 18.56 15.18
N CYS B 121 6.16 18.14 16.38
CA CYS B 121 7.47 17.54 16.63
C CYS B 121 7.62 16.22 15.88
N ASP B 122 6.50 15.54 15.69
CA ASP B 122 6.53 14.18 15.15
C ASP B 122 5.82 14.00 13.81
N ASN B 123 4.50 14.06 13.81
CA ASN B 123 3.74 13.52 12.70
C ASN B 123 3.91 14.26 11.36
N PRO B 124 3.84 15.63 11.34
CA PRO B 124 3.92 16.26 10.02
C PRO B 124 5.24 15.98 9.33
N TYR B 125 6.22 15.57 10.12
CA TYR B 125 7.49 15.11 9.59
C TYR B 125 7.34 13.83 8.76
N ASP B 126 6.78 12.76 9.33
CA ASP B 126 6.49 11.58 8.51
C ASP B 126 5.02 11.38 8.06
N GLY B 127 4.08 12.05 8.71
CA GLY B 127 2.66 11.72 8.54
C GLY B 127 1.70 12.69 7.88
N TYR B 128 2.20 13.77 7.32
CA TYR B 128 1.33 14.73 6.65
C TYR B 128 1.35 14.46 5.16
N ASP B 129 0.21 14.66 4.49
CA ASP B 129 0.15 14.52 3.04
C ASP B 129 -0.36 15.83 2.44
N ALA B 130 -1.64 16.11 2.67
CA ALA B 130 -2.24 17.36 2.25
C ALA B 130 -2.58 18.21 3.47
N ILE B 131 -2.04 19.43 3.53
CA ILE B 131 -2.35 20.31 4.65
C ILE B 131 -3.24 21.46 4.17
N LEU B 132 -4.35 21.66 4.86
CA LEU B 132 -5.37 22.59 4.42
C LEU B 132 -5.30 23.86 5.27
N VAL B 133 -4.83 24.95 4.67
CA VAL B 133 -4.68 26.20 5.41
C VAL B 133 -5.86 27.12 5.11
N MET B 134 -6.69 27.33 6.13
CA MET B 134 -7.95 28.04 5.96
C MET B 134 -7.93 29.46 6.49
N TYR B 135 -8.60 30.36 5.78
CA TYR B 135 -8.92 31.70 6.25
C TYR B 135 -10.38 31.96 5.97
N ASP B 136 -10.94 33.01 6.55
CA ASP B 136 -12.29 33.42 6.22
C ASP B 136 -12.19 34.59 5.26
N ILE B 137 -12.98 34.58 4.19
CA ILE B 137 -12.96 35.71 3.26
C ILE B 137 -13.49 36.96 3.98
N THR B 138 -14.71 36.87 4.52
CA THR B 138 -15.35 38.00 5.22
C THR B 138 -14.43 38.60 6.28
N GLU B 139 -13.65 37.75 6.94
CA GLU B 139 -12.71 38.22 7.94
C GLU B 139 -11.37 38.60 7.31
N LEU B 140 -10.76 39.68 7.79
CA LEU B 140 -9.55 40.21 7.17
C LEU B 140 -8.28 39.50 7.67
N LYS B 141 -7.98 39.66 8.96
CA LYS B 141 -6.73 39.16 9.52
C LYS B 141 -6.68 37.62 9.52
N SER B 142 -7.79 36.98 9.21
CA SER B 142 -7.81 35.52 9.05
C SER B 142 -6.86 35.13 7.92
N PHE B 143 -6.73 36.03 6.96
CA PHE B 143 -5.93 35.80 5.77
C PHE B 143 -4.43 35.93 6.01
N THR B 144 -3.97 37.16 6.28
CA THR B 144 -2.53 37.45 6.31
C THR B 144 -1.87 37.10 7.65
N ASP B 145 -2.64 36.62 8.62
CA ASP B 145 -2.06 36.11 9.86
C ASP B 145 -1.68 34.66 9.63
N LEU B 146 -1.99 34.14 8.44
CA LEU B 146 -1.47 32.85 8.04
C LEU B 146 -0.04 32.99 7.56
N LYS B 147 0.22 34.09 6.86
CA LYS B 147 1.52 34.35 6.26
C LYS B 147 2.64 34.63 7.26
N THR B 148 2.33 35.37 8.34
CA THR B 148 3.34 35.69 9.36
C THR B 148 3.28 34.77 10.58
N MET B 149 2.29 33.88 10.62
CA MET B 149 2.15 32.95 11.75
C MET B 149 1.94 31.49 11.31
N TRP B 150 0.82 31.23 10.65
CA TRP B 150 0.44 29.86 10.31
C TRP B 150 1.33 29.20 9.25
N LEU B 151 1.46 29.86 8.10
CA LEU B 151 2.26 29.29 7.00
C LEU B 151 3.71 28.98 7.38
N PRO B 152 4.50 29.99 7.83
CA PRO B 152 5.96 29.78 7.88
C PRO B 152 6.42 28.61 8.72
N ASP B 153 5.80 28.37 9.87
CA ASP B 153 6.37 27.41 10.80
C ASP B 153 6.23 26.00 10.24
N ILE B 154 5.00 25.50 10.10
CA ILE B 154 4.85 24.16 9.55
C ILE B 154 5.26 24.11 8.07
N PHE B 155 5.48 25.27 7.46
CA PHE B 155 6.23 25.32 6.20
C PHE B 155 7.61 24.72 6.41
N LEU B 156 8.35 25.28 7.36
CA LEU B 156 9.68 24.78 7.70
C LEU B 156 9.61 23.34 8.23
N TYR B 157 8.51 23.02 8.91
CA TYR B 157 8.39 21.80 9.69
C TYR B 157 7.79 20.62 8.92
N CYS B 158 7.48 20.82 7.65
CA CYS B 158 6.72 19.80 6.92
C CYS B 158 7.59 19.18 5.82
N ASN B 159 7.04 18.22 5.09
CA ASN B 159 7.85 17.44 4.16
C ASN B 159 7.81 17.88 2.71
N ILE B 160 8.55 17.13 1.91
CA ILE B 160 8.49 17.20 0.45
C ILE B 160 7.47 16.19 -0.05
N ASP B 161 7.03 15.31 0.85
CA ASP B 161 5.96 14.37 0.56
C ASP B 161 4.62 15.00 0.91
N THR B 162 4.67 16.26 1.30
CA THR B 162 3.48 16.95 1.77
C THR B 162 3.06 18.06 0.83
N GLN B 163 1.76 18.14 0.59
CA GLN B 163 1.19 19.15 -0.28
C GLN B 163 0.41 20.16 0.53
N ILE B 164 0.77 21.44 0.38
CA ILE B 164 0.09 22.50 1.10
C ILE B 164 -0.96 23.14 0.21
N ILE B 165 -2.19 23.24 0.70
CA ILE B 165 -3.27 23.87 -0.03
C ILE B 165 -3.85 25.03 0.76
N ILE B 166 -3.79 26.23 0.18
CA ILE B 166 -4.29 27.42 0.86
C ILE B 166 -5.76 27.66 0.49
N ILE B 167 -6.63 27.53 1.48
CA ILE B 167 -8.07 27.61 1.25
C ILE B 167 -8.66 28.79 2.01
N GLY B 168 -9.85 29.22 1.59
CA GLY B 168 -10.56 30.28 2.28
C GLY B 168 -12.04 29.97 2.20
N ASN B 169 -12.82 30.60 3.07
CA ASN B 169 -14.17 30.13 3.33
C ASN B 169 -15.17 31.28 3.48
N LYS B 170 -16.37 30.94 3.95
CA LYS B 170 -17.49 31.88 4.01
C LYS B 170 -17.83 32.36 2.60
N LYS B 171 -17.95 31.40 1.69
CA LYS B 171 -18.39 31.65 0.32
C LYS B 171 -19.91 31.73 0.28
N ASP B 172 -20.55 31.39 1.40
CA ASP B 172 -22.00 31.42 1.52
C ASP B 172 -22.52 32.82 1.23
N GLN B 173 -21.78 33.79 1.74
CA GLN B 173 -22.17 35.18 1.69
C GLN B 173 -22.15 35.74 0.25
N GLU B 174 -21.21 35.24 -0.54
CA GLU B 174 -20.64 35.97 -1.67
C GLU B 174 -20.25 37.31 -1.07
N ILE B 175 -20.28 38.41 -1.84
CA ILE B 175 -20.37 39.79 -1.32
C ILE B 175 -19.60 39.93 0.03
N ASP B 176 -18.49 39.21 0.15
CA ASP B 176 -17.80 39.01 1.42
C ASP B 176 -16.65 39.94 1.53
N ARG B 177 -15.76 39.80 0.55
CA ARG B 177 -14.62 40.67 0.39
C ARG B 177 -13.67 40.64 1.59
N ILE B 178 -13.16 41.81 1.95
CA ILE B 178 -12.08 41.96 2.93
C ILE B 178 -10.76 41.35 2.41
N ILE B 179 -10.85 40.50 1.39
CA ILE B 179 -9.71 40.00 0.65
C ILE B 179 -10.19 39.60 -0.74
N THR B 180 -9.33 39.79 -1.75
CA THR B 180 -9.69 39.42 -3.11
C THR B 180 -9.44 37.94 -3.37
N ARG B 181 -10.15 37.37 -4.33
CA ARG B 181 -9.94 35.97 -4.72
C ARG B 181 -8.66 35.80 -5.51
N LYS B 182 -8.48 36.65 -6.51
CA LYS B 182 -7.27 36.66 -7.33
C LYS B 182 -6.04 36.98 -6.48
N GLU B 183 -6.24 37.78 -5.43
CA GLU B 183 -5.18 38.11 -4.48
C GLU B 183 -4.68 36.87 -3.74
N ALA B 184 -5.62 36.04 -3.32
CA ALA B 184 -5.28 34.81 -2.62
C ALA B 184 -4.71 33.77 -3.56
N GLU B 185 -5.23 33.74 -4.79
CA GLU B 185 -4.75 32.82 -5.83
C GLU B 185 -3.29 33.13 -6.17
N GLN B 186 -3.00 34.41 -6.30
CA GLN B 186 -1.63 34.87 -6.58
C GLN B 186 -0.72 34.68 -5.37
N PHE B 187 -1.25 34.96 -4.18
CA PHE B 187 -0.50 34.74 -2.94
C PHE B 187 -0.10 33.28 -2.82
N ALA B 188 -1.00 32.39 -3.24
CA ALA B 188 -0.75 30.96 -3.13
C ALA B 188 0.19 30.46 -4.22
N GLN B 189 0.04 30.98 -5.44
CA GLN B 189 0.92 30.58 -6.53
C GLN B 189 2.36 31.04 -6.32
N ASP B 190 2.56 31.95 -5.37
CA ASP B 190 3.90 32.44 -5.04
C ASP B 190 4.57 31.58 -3.96
N ARG B 191 3.79 30.74 -3.28
CA ARG B 191 4.34 29.78 -2.32
C ARG B 191 4.47 28.39 -2.92
N LEU B 192 4.05 28.25 -4.18
CA LEU B 192 3.98 26.96 -4.88
C LEU B 192 3.00 26.02 -4.21
N CYS B 193 1.90 26.58 -3.71
CA CYS B 193 0.85 25.80 -3.06
C CYS B 193 -0.42 25.88 -3.87
N GLN B 194 -1.27 24.86 -3.78
CA GLN B 194 -2.54 24.92 -4.49
C GLN B 194 -3.47 25.90 -3.79
N PHE B 195 -4.64 26.16 -4.37
CA PHE B 195 -5.54 27.16 -3.83
C PHE B 195 -7.01 26.84 -4.12
N TYR B 196 -7.88 27.12 -3.15
CA TYR B 196 -9.30 26.79 -3.27
C TYR B 196 -10.18 27.76 -2.49
N GLU B 197 -11.47 27.78 -2.84
CA GLU B 197 -12.48 28.53 -2.09
C GLU B 197 -13.73 27.67 -1.94
N ILE B 198 -14.13 27.43 -0.69
CA ILE B 198 -15.26 26.55 -0.37
C ILE B 198 -16.27 27.27 0.51
N SER B 199 -17.32 26.57 0.92
CA SER B 199 -18.41 27.21 1.65
C SER B 199 -19.07 26.28 2.67
N THR B 200 -19.44 26.84 3.82
CA THR B 200 -20.06 26.07 4.90
C THR B 200 -21.47 25.62 4.52
N LYS B 201 -22.20 26.47 3.81
CA LYS B 201 -23.59 26.18 3.44
C LYS B 201 -23.70 25.09 2.37
N ASP B 202 -22.84 25.15 1.35
CA ASP B 202 -22.95 24.24 0.20
C ASP B 202 -21.93 23.10 0.20
N ASP B 203 -21.95 22.32 -0.88
CA ASP B 203 -21.14 21.11 -0.99
C ASP B 203 -19.76 21.34 -1.58
N SER B 204 -19.37 22.60 -1.76
CA SER B 204 -18.05 22.93 -2.30
C SER B 204 -16.93 22.37 -1.40
N CYS B 205 -17.31 21.90 -0.21
CA CYS B 205 -16.41 21.14 0.65
C CYS B 205 -16.27 19.68 0.22
N GLN B 206 -17.37 18.92 0.24
CA GLN B 206 -17.28 17.50 -0.15
C GLN B 206 -17.07 17.37 -1.66
N LEU B 207 -17.19 18.48 -2.38
CA LEU B 207 -16.75 18.52 -3.77
C LEU B 207 -15.28 18.96 -3.86
N LEU B 208 -14.73 19.43 -2.74
CA LEU B 208 -13.29 19.68 -2.64
C LEU B 208 -12.54 18.39 -2.31
N PHE B 209 -13.15 17.55 -1.50
CA PHE B 209 -12.46 16.37 -0.96
C PHE B 209 -12.35 15.20 -1.95
N ASP B 210 -13.28 15.10 -2.90
CA ASP B 210 -13.12 14.15 -4.00
C ASP B 210 -12.00 14.64 -4.93
N CYS B 211 -11.83 15.94 -4.99
CA CYS B 211 -10.73 16.54 -5.74
C CYS B 211 -9.40 16.18 -5.08
N ILE B 212 -9.34 16.29 -3.76
CA ILE B 212 -8.17 15.88 -3.00
C ILE B 212 -7.90 14.38 -3.23
N SER B 213 -8.95 13.57 -3.16
CA SER B 213 -8.87 12.15 -3.46
C SER B 213 -8.23 11.91 -4.83
N ARG B 214 -8.62 12.71 -5.81
CA ARG B 214 -8.10 12.55 -7.17
C ARG B 214 -6.64 12.95 -7.30
N ASP B 215 -6.25 14.09 -6.74
CA ASP B 215 -4.84 14.49 -6.83
C ASP B 215 -3.98 13.42 -6.16
N PHE B 216 -4.47 12.90 -5.03
CA PHE B 216 -3.86 11.73 -4.40
C PHE B 216 -3.67 10.55 -5.34
N LEU B 217 -4.77 9.93 -5.76
CA LEU B 217 -4.70 8.69 -6.52
C LEU B 217 -4.06 8.86 -7.90
N GLN B 218 -3.82 10.11 -8.29
CA GLN B 218 -3.17 10.38 -9.57
C GLN B 218 -1.66 10.57 -9.42
N CYS B 219 -1.25 11.58 -8.63
CA CYS B 219 0.15 12.02 -8.60
C CYS B 219 1.23 10.95 -8.37
N ASP B 220 1.11 10.17 -7.30
CA ASP B 220 2.22 9.36 -6.78
C ASP B 220 3.43 10.28 -6.50
N ILE B 221 4.54 10.07 -7.20
CA ILE B 221 5.77 10.78 -6.82
C ILE B 221 5.93 12.14 -7.51
N LYS B 222 6.32 13.14 -6.71
CA LYS B 222 6.44 14.54 -7.18
C LYS B 222 7.85 15.07 -7.01
N ILE B 223 8.34 15.81 -7.98
CA ILE B 223 9.72 16.31 -7.99
C ILE B 223 9.81 17.78 -8.42
N ARG B 224 10.69 18.54 -7.77
CA ARG B 224 10.96 19.91 -8.22
C ARG B 224 12.41 20.08 -8.69
N MET B 225 12.56 20.75 -9.82
CA MET B 225 13.88 21.02 -10.38
C MET B 225 14.05 22.52 -10.59
N LEU B 226 15.31 22.96 -10.62
CA LEU B 226 15.62 24.38 -10.73
C LEU B 226 16.27 24.63 -12.07
N MET B 227 16.23 25.87 -12.55
CA MET B 227 16.82 26.19 -13.84
C MET B 227 17.96 27.20 -13.72
N VAL B 228 18.87 27.15 -14.69
CA VAL B 228 19.91 28.18 -14.84
C VAL B 228 19.34 29.38 -15.57
N GLY B 229 20.22 30.25 -16.05
CA GLY B 229 19.81 31.51 -16.66
C GLY B 229 20.73 32.05 -17.74
N ASP B 230 20.41 33.26 -18.19
CA ASP B 230 21.15 34.06 -19.18
C ASP B 230 20.83 33.72 -20.64
N GLN B 231 20.00 32.70 -20.86
CA GLN B 231 19.61 32.36 -22.23
C GLN B 231 18.11 32.51 -22.46
N ASN B 232 17.34 31.55 -21.95
CA ASN B 232 15.87 31.53 -21.99
C ASN B 232 15.28 31.36 -23.39
N VAL B 233 16.10 31.53 -24.42
CA VAL B 233 15.69 31.14 -25.76
C VAL B 233 15.96 29.65 -25.93
N GLY B 234 17.08 29.19 -25.36
CA GLY B 234 17.41 27.77 -25.35
C GLY B 234 16.92 27.03 -24.11
N LYS B 235 16.74 27.76 -23.02
CA LYS B 235 16.21 27.17 -21.78
C LYS B 235 14.73 26.89 -21.94
N THR B 236 13.99 27.89 -22.44
CA THR B 236 12.64 27.65 -22.93
C THR B 236 12.81 26.83 -24.21
N THR B 237 11.79 26.07 -24.57
CA THR B 237 11.82 25.11 -25.69
C THR B 237 12.65 23.87 -25.34
N PHE B 238 13.47 23.96 -24.30
CA PHE B 238 14.06 22.76 -23.70
C PHE B 238 13.09 22.13 -22.72
N ILE B 239 12.47 22.96 -21.89
CA ILE B 239 11.46 22.46 -20.98
C ILE B 239 10.22 22.16 -21.81
N ARG B 240 9.99 22.94 -22.85
CA ARG B 240 8.85 22.72 -23.73
C ARG B 240 8.95 21.38 -24.45
N LYS B 241 10.11 20.72 -24.35
CA LYS B 241 10.24 19.33 -24.79
C LYS B 241 9.11 18.51 -24.16
N PHE B 242 9.02 18.56 -22.83
CA PHE B 242 7.70 18.39 -22.23
C PHE B 242 7.44 19.46 -21.16
N ALA B 243 6.74 20.52 -21.58
CA ALA B 243 6.14 21.54 -20.72
C ALA B 243 4.78 21.89 -21.31
N LEU B 244 4.87 22.41 -22.54
CA LEU B 244 3.73 22.82 -23.36
C LEU B 244 2.93 23.98 -22.77
N GLN B 245 3.57 25.15 -22.78
CA GLN B 245 2.96 26.42 -22.40
C GLN B 245 3.67 27.58 -23.12
N ASP B 246 3.34 28.81 -22.73
CA ASP B 246 4.03 29.99 -23.23
C ASP B 246 4.29 30.94 -22.05
N PRO B 247 4.87 32.11 -22.32
CA PRO B 247 5.11 33.10 -21.28
C PRO B 247 5.20 34.50 -21.87
N ASP B 251 3.25 37.76 -19.66
CA ASP B 251 4.63 38.00 -19.23
C ASP B 251 4.90 37.43 -17.85
N PHE B 252 4.82 36.11 -17.72
CA PHE B 252 5.12 35.46 -16.45
C PHE B 252 5.71 34.07 -16.66
N MET B 253 6.70 33.73 -15.84
CA MET B 253 7.20 32.37 -15.79
C MET B 253 6.90 31.76 -14.43
N ASN B 254 5.98 30.82 -14.40
CA ASN B 254 5.59 30.17 -13.17
C ASN B 254 5.82 28.68 -13.24
N ALA B 255 5.84 28.02 -12.09
CA ALA B 255 6.05 26.59 -12.03
C ALA B 255 5.02 25.83 -12.86
N ILE B 256 5.51 25.01 -13.78
CA ILE B 256 4.64 24.20 -14.62
C ILE B 256 5.07 22.74 -14.51
N THR B 257 4.10 21.85 -14.36
CA THR B 257 4.39 20.45 -14.10
C THR B 257 4.24 19.60 -15.36
N THR B 258 5.09 18.59 -15.49
CA THR B 258 4.91 17.60 -16.54
C THR B 258 4.53 16.28 -15.90
N ARG B 259 3.38 15.76 -16.33
CA ARG B 259 2.82 14.52 -15.80
C ARG B 259 3.22 13.34 -16.67
N PHE B 260 3.72 12.26 -16.05
CA PHE B 260 3.96 11.02 -16.76
C PHE B 260 4.16 9.84 -15.81
N GLU B 261 4.49 8.69 -16.39
CA GLU B 261 4.70 7.45 -15.66
C GLU B 261 5.94 6.72 -16.16
N MET B 262 6.74 6.17 -15.26
CA MET B 262 7.98 5.50 -15.70
C MET B 262 7.83 3.98 -15.70
N GLU B 263 7.91 3.36 -14.53
CA GLU B 263 7.68 1.92 -14.41
C GLU B 263 6.82 1.59 -13.21
N LYS B 264 5.60 1.10 -13.47
CA LYS B 264 4.65 0.72 -12.42
C LYS B 264 4.55 1.77 -11.31
N ILE B 265 4.68 3.04 -11.69
CA ILE B 265 4.90 4.14 -10.76
C ILE B 265 4.88 5.44 -11.57
N LYS B 266 4.60 6.58 -10.93
CA LYS B 266 4.33 7.82 -11.68
C LYS B 266 5.03 9.05 -11.12
N TYR B 267 5.27 10.00 -12.02
CA TYR B 267 6.00 11.22 -11.72
C TYR B 267 5.28 12.50 -12.19
N GLU B 268 5.42 13.56 -11.40
CA GLU B 268 5.05 14.92 -11.81
C GLU B 268 6.22 15.84 -11.52
N ILE B 269 6.71 16.55 -12.55
CA ILE B 269 7.95 17.30 -12.37
C ILE B 269 7.81 18.81 -12.66
N ILE B 270 8.31 19.62 -11.74
CA ILE B 270 8.03 21.05 -11.71
C ILE B 270 9.27 21.92 -11.98
N MET B 271 9.09 22.93 -12.84
CA MET B 271 10.10 23.96 -13.11
C MET B 271 9.99 25.08 -12.07
N ILE B 272 11.08 25.40 -11.39
CA ILE B 272 11.07 26.48 -10.40
C ILE B 272 11.66 27.80 -10.96
N ASP B 273 12.06 27.79 -12.23
CA ASP B 273 12.61 28.98 -12.91
C ASP B 273 13.84 29.56 -12.18
N TRP B 274 13.96 30.89 -12.17
CA TRP B 274 15.05 31.57 -11.49
C TRP B 274 14.55 32.75 -10.65
N GLY B 275 14.04 33.78 -11.33
CA GLY B 275 13.46 34.93 -10.66
C GLY B 275 12.25 34.55 -9.84
N PHE B 276 11.47 33.59 -10.34
CA PHE B 276 10.36 33.03 -9.60
C PHE B 276 10.91 32.28 -8.38
N TYR B 277 12.01 31.57 -8.60
CA TYR B 277 12.75 30.92 -7.52
C TYR B 277 13.30 31.98 -6.55
N ASN B 278 13.77 33.09 -7.11
CA ASN B 278 14.25 34.21 -6.29
C ASN B 278 13.15 34.77 -5.38
N LYS B 279 11.92 34.79 -5.88
CA LYS B 279 10.77 35.20 -5.09
C LYS B 279 10.51 34.17 -4.01
N LEU B 280 10.60 32.90 -4.41
CA LEU B 280 10.40 31.80 -3.47
C LEU B 280 11.51 31.73 -2.43
N LEU B 281 12.56 32.51 -2.62
CA LEU B 281 13.66 32.55 -1.64
C LEU B 281 13.28 33.29 -0.36
N GLN B 282 12.77 34.51 -0.45
CA GLN B 282 12.34 35.21 0.76
C GLN B 282 10.84 35.02 1.06
N THR B 283 10.08 34.49 0.11
CA THR B 283 8.68 34.20 0.44
C THR B 283 8.62 32.89 1.25
N ASN B 284 9.43 31.91 0.86
CA ASN B 284 9.58 30.68 1.63
C ASN B 284 11.04 30.22 1.69
N PRO B 285 11.82 30.74 2.66
CA PRO B 285 13.25 30.45 2.80
C PRO B 285 13.55 28.95 2.96
N ALA B 286 12.55 28.15 3.29
CA ALA B 286 12.74 26.70 3.37
C ALA B 286 12.56 26.02 2.02
N ILE B 287 12.29 26.81 0.98
CA ILE B 287 12.09 26.29 -0.37
C ILE B 287 13.31 25.50 -0.87
N SER B 288 14.49 25.81 -0.36
CA SER B 288 15.72 25.15 -0.79
C SER B 288 15.81 23.74 -0.24
N ARG B 289 14.98 23.45 0.76
CA ARG B 289 14.83 22.10 1.27
C ARG B 289 13.88 21.32 0.35
N THR B 290 13.01 22.06 -0.34
CA THR B 290 12.02 21.46 -1.21
C THR B 290 12.59 21.04 -2.57
N ILE B 291 13.63 21.73 -3.03
CA ILE B 291 14.12 21.51 -4.39
C ILE B 291 14.94 20.23 -4.47
N GLU B 292 14.45 19.28 -5.26
CA GLU B 292 15.07 17.98 -5.37
C GLU B 292 16.24 17.96 -6.34
N ALA B 293 16.11 18.67 -7.46
CA ALA B 293 17.18 18.71 -8.45
C ALA B 293 17.46 20.10 -8.99
N ILE B 294 18.67 20.29 -9.53
CA ILE B 294 19.04 21.55 -10.16
C ILE B 294 19.57 21.31 -11.58
N LEU B 295 19.00 22.01 -12.54
CA LEU B 295 19.32 21.87 -13.96
C LEU B 295 19.94 23.17 -14.47
N ILE B 296 21.20 23.10 -14.89
CA ILE B 296 21.96 24.30 -15.22
C ILE B 296 22.40 24.36 -16.68
N VAL B 297 21.81 25.25 -17.47
CA VAL B 297 22.16 25.36 -18.89
C VAL B 297 22.82 26.70 -19.22
N TYR B 298 24.10 26.67 -19.57
CA TYR B 298 24.76 27.88 -20.08
C TYR B 298 25.54 27.55 -21.37
N ASP B 299 25.08 28.15 -22.47
CA ASP B 299 25.67 27.96 -23.79
C ASP B 299 25.98 29.32 -24.42
N ILE B 300 26.45 29.33 -25.66
CA ILE B 300 26.58 30.56 -26.46
C ILE B 300 27.43 31.65 -25.79
N THR B 301 26.80 32.79 -25.50
CA THR B 301 27.46 33.91 -24.81
C THR B 301 27.94 33.47 -23.42
N ASN B 302 27.44 32.31 -22.98
CA ASN B 302 28.04 31.48 -21.93
C ASN B 302 28.42 32.10 -20.58
N GLU B 303 29.72 32.07 -20.28
CA GLU B 303 30.20 31.84 -18.92
C GLU B 303 29.61 32.72 -17.84
N GLU B 304 29.02 32.05 -16.86
CA GLU B 304 28.58 32.68 -15.63
C GLU B 304 29.04 31.80 -14.48
N SER B 305 29.94 32.33 -13.66
CA SER B 305 30.24 31.75 -12.35
C SER B 305 29.45 32.53 -11.32
N PHE B 306 28.66 33.48 -11.83
CA PHE B 306 27.85 34.35 -10.98
C PHE B 306 26.61 33.63 -10.44
N GLN B 307 26.09 32.70 -11.21
CA GLN B 307 24.87 31.95 -10.84
C GLN B 307 25.12 30.79 -9.87
N ASN B 308 26.25 30.11 -10.04
CA ASN B 308 26.51 28.82 -9.40
C ASN B 308 26.75 28.89 -7.89
N ILE B 309 26.76 30.11 -7.34
CA ILE B 309 27.05 30.33 -5.93
C ILE B 309 25.95 29.84 -4.98
N HIS B 310 24.73 29.68 -5.49
CA HIS B 310 23.61 29.26 -4.66
C HIS B 310 23.66 27.76 -4.39
N ARG B 311 23.90 26.98 -5.44
CA ARG B 311 24.14 25.54 -5.31
C ARG B 311 25.31 25.28 -4.37
N LYS B 312 26.14 26.30 -4.17
CA LYS B 312 27.16 26.27 -3.14
C LYS B 312 26.55 26.58 -1.77
N TYR B 313 25.71 27.63 -1.71
CA TYR B 313 25.10 28.04 -0.45
C TYR B 313 24.06 27.04 0.04
N TYR B 314 23.51 26.27 -0.90
CA TYR B 314 22.48 25.29 -0.57
C TYR B 314 22.81 23.94 -1.18
N LEU B 316 24.26 20.14 -1.93
CA LEU B 316 24.90 19.11 -1.12
C LEU B 316 24.86 17.77 -1.85
N ILE B 317 24.00 16.87 -1.37
CA ILE B 317 23.79 15.58 -2.00
C ILE B 317 22.71 15.72 -3.05
N ASN B 318 22.27 16.95 -3.24
CA ASN B 318 21.23 17.31 -4.20
C ASN B 318 21.53 16.84 -5.63
N ASN B 319 22.81 16.63 -5.92
CA ASN B 319 23.24 16.11 -7.22
C ASN B 319 22.76 16.99 -8.36
N LYS B 320 23.39 18.15 -8.53
CA LYS B 320 22.99 19.09 -9.59
C LYS B 320 23.33 18.53 -10.97
N PHE B 321 23.11 19.33 -12.01
CA PHE B 321 23.30 18.90 -13.40
C PHE B 321 23.60 20.07 -14.31
N SER B 322 24.32 19.83 -15.41
CA SER B 322 24.72 20.88 -16.33
C SER B 322 24.49 20.48 -17.79
N ASP B 323 24.18 21.46 -18.64
CA ASP B 323 23.79 21.22 -20.01
C ASP B 323 24.33 22.27 -20.97
N VAL B 324 24.91 21.82 -22.08
CA VAL B 324 25.27 22.67 -23.20
C VAL B 324 24.86 22.02 -24.51
N ALA B 325 24.00 22.68 -25.28
CA ALA B 325 23.68 22.22 -26.62
C ALA B 325 23.34 23.38 -27.55
N GLY B 326 23.83 23.31 -28.78
CA GLY B 326 23.56 24.35 -29.75
C GLY B 326 22.11 24.42 -30.18
N VAL B 327 21.55 25.63 -30.16
CA VAL B 327 20.25 25.88 -30.77
C VAL B 327 20.46 26.25 -32.23
N ILE B 328 21.72 26.49 -32.58
CA ILE B 328 22.10 26.86 -33.93
C ILE B 328 23.32 26.07 -34.38
N VAL B 329 23.83 26.40 -35.56
CA VAL B 329 25.09 25.81 -36.02
C VAL B 329 26.15 26.89 -36.19
N GLY B 330 27.16 26.84 -35.33
CA GLY B 330 28.24 27.83 -35.37
C GLY B 330 29.45 27.35 -34.60
N LYS B 332 32.45 27.04 -31.67
CA LYS B 332 31.91 26.08 -30.71
C LYS B 332 32.70 26.15 -29.40
N THR B 333 33.99 26.45 -29.51
CA THR B 333 34.90 26.55 -28.38
C THR B 333 34.97 25.26 -27.55
N ASP B 334 35.62 24.22 -28.08
CA ASP B 334 35.65 22.90 -27.43
C ASP B 334 36.29 22.93 -26.05
N LEU B 335 36.88 24.08 -25.69
CA LEU B 335 37.40 24.31 -24.34
C LEU B 335 36.38 23.92 -23.25
N GLU B 336 35.10 24.25 -23.49
CA GLU B 336 34.01 23.86 -22.59
C GLU B 336 34.00 22.37 -22.34
N ALA B 337 34.19 21.57 -23.38
CA ALA B 337 34.18 20.13 -23.23
C ALA B 337 35.27 19.67 -22.28
N GLN B 338 36.34 20.46 -22.22
CA GLN B 338 37.42 20.27 -21.25
C GLN B 338 37.01 20.82 -19.87
N ARG B 339 36.28 21.93 -19.88
CA ARG B 339 35.71 22.48 -18.64
C ARG B 339 34.38 21.81 -18.29
N LYS B 340 33.84 21.03 -19.22
CA LYS B 340 32.78 20.08 -18.88
C LYS B 340 33.44 18.75 -18.59
N ILE B 341 34.73 18.67 -18.90
CA ILE B 341 35.57 17.57 -18.43
C ILE B 341 36.13 17.99 -17.08
N THR B 342 35.71 19.17 -16.64
CA THR B 342 35.80 19.49 -15.23
C THR B 342 34.55 18.86 -14.64
N MET B 343 34.76 17.87 -13.78
CA MET B 343 33.64 17.03 -13.37
C MET B 343 33.00 17.54 -12.08
N GLY B 344 31.72 17.83 -12.19
CA GLY B 344 30.89 18.15 -11.05
C GLY B 344 29.48 17.79 -11.39
N ASP B 345 28.67 17.52 -10.39
CA ASP B 345 27.29 17.12 -10.62
C ASP B 345 26.44 18.35 -10.94
N LEU B 347 27.50 15.56 -13.73
CA LEU B 347 26.42 15.45 -14.70
C LEU B 347 26.59 16.48 -15.81
N THR B 348 26.73 16.02 -17.06
CA THR B 348 27.20 16.87 -18.16
C THR B 348 26.17 17.19 -19.24
N LEU B 349 26.63 17.92 -20.27
CA LEU B 349 25.78 18.57 -21.27
C LEU B 349 24.68 17.67 -21.83
N ALA B 350 25.09 16.59 -22.51
CA ALA B 350 24.19 15.56 -23.01
C ALA B 350 23.28 16.04 -24.14
N ASP B 351 23.36 17.32 -24.47
CA ASP B 351 22.68 17.89 -25.64
C ASP B 351 21.18 17.62 -25.65
N TRP B 352 20.53 17.79 -24.51
CA TRP B 352 19.10 17.54 -24.40
C TRP B 352 18.29 18.78 -24.73
N LEU B 353 18.94 19.85 -25.19
CA LEU B 353 18.26 21.11 -25.45
C LEU B 353 17.41 21.04 -26.72
N GLY B 354 16.86 22.17 -27.15
CA GLY B 354 15.84 22.20 -28.17
C GLY B 354 16.18 21.50 -29.48
N TYR B 355 15.33 20.53 -29.82
CA TYR B 355 15.30 19.84 -31.11
C TYR B 355 16.54 19.01 -31.47
N LYS B 356 17.62 19.15 -30.69
CA LYS B 356 18.77 18.27 -30.85
C LYS B 356 18.56 17.04 -29.98
N TYR B 357 17.59 17.12 -29.09
CA TYR B 357 17.36 16.08 -28.10
C TYR B 357 16.62 14.86 -28.65
N VAL B 358 15.57 15.10 -29.44
CA VAL B 358 14.64 14.05 -29.82
C VAL B 358 14.11 13.36 -28.57
N GLU B 359 14.43 12.09 -28.40
CA GLU B 359 13.94 11.33 -27.25
C GLU B 359 14.90 11.39 -26.04
N MET B 360 15.96 12.18 -26.15
CA MET B 360 16.91 12.36 -25.04
C MET B 360 16.40 13.42 -24.07
N SER B 361 15.21 13.95 -24.34
CA SER B 361 14.63 15.05 -23.57
C SER B 361 14.21 14.65 -22.17
N SER B 362 13.35 13.63 -22.08
CA SER B 362 12.76 13.25 -20.79
C SER B 362 13.65 12.27 -20.05
N LYS B 363 14.69 11.78 -20.74
CA LYS B 363 15.55 10.74 -20.18
C LYS B 363 16.39 11.22 -18.99
N ASP B 364 17.16 12.28 -19.18
CA ASP B 364 17.97 12.82 -18.10
C ASP B 364 17.08 13.18 -16.91
N THR B 365 15.96 13.82 -17.19
CA THR B 365 14.93 14.07 -16.18
C THR B 365 14.54 12.73 -15.55
N GLU B 366 14.14 11.77 -16.38
CA GLU B 366 13.87 10.41 -15.92
C GLU B 366 15.07 9.87 -15.15
N ASP B 367 16.27 10.10 -15.69
CA ASP B 367 17.51 9.69 -15.04
C ASP B 367 17.54 10.31 -13.65
N HIS B 368 17.33 11.63 -13.61
CA HIS B 368 17.26 12.35 -12.36
C HIS B 368 16.19 11.76 -11.46
N SER B 369 15.04 11.42 -12.05
CA SER B 369 13.98 10.76 -11.28
C SER B 369 14.54 9.49 -10.65
N SER B 370 15.17 8.67 -11.49
CA SER B 370 15.74 7.41 -11.05
C SER B 370 16.90 7.62 -10.08
N ILE B 371 17.38 8.86 -9.99
CA ILE B 371 18.34 9.19 -8.95
C ILE B 371 17.65 9.39 -7.60
N ILE B 372 16.59 10.19 -7.59
CA ILE B 372 15.95 10.57 -6.32
C ILE B 372 14.91 9.60 -5.76
N LYS B 373 14.04 9.07 -6.62
CA LYS B 373 12.90 8.29 -6.16
C LYS B 373 13.34 7.08 -5.33
N ALA B 374 14.56 6.60 -5.58
CA ALA B 374 15.15 5.56 -4.77
C ALA B 374 16.00 6.14 -3.64
N LEU B 375 16.22 7.46 -3.66
CA LEU B 375 17.03 8.14 -2.65
C LEU B 375 16.18 8.40 -1.41
N ALA B 376 14.87 8.19 -1.53
CA ALA B 376 13.98 8.23 -0.39
C ALA B 376 14.25 7.04 0.53
N HIS B 377 14.97 6.06 0.00
CA HIS B 377 15.43 4.92 0.79
C HIS B 377 16.68 5.31 1.58
N SER B 378 17.49 6.20 1.01
CA SER B 378 18.69 6.69 1.69
C SER B 378 18.30 7.42 2.97
N ILE B 379 17.23 8.22 2.89
CA ILE B 379 16.65 8.84 4.07
C ILE B 379 15.76 7.81 4.79
N ARG B 380 15.33 6.80 4.05
CA ARG B 380 14.52 5.69 4.58
C ARG B 380 13.26 6.14 5.31
#